data_8CEQ
#
_entry.id   8CEQ
#
_cell.length_a   51.732
_cell.length_b   83.904
_cell.length_c   154.385
_cell.angle_alpha   90.000
_cell.angle_beta   90.000
_cell.angle_gamma   90.000
#
_symmetry.space_group_name_H-M   'P 21 21 21'
#
loop_
_entity.id
_entity.type
_entity.pdbx_description
1 polymer "Cap-specific mRNA (nucleoside-2'-O-)-methyltransferase"
2 non-polymer '(2~{S})-2-azanyl-4-[[(2~{S},3~{S},4~{R},5~{R})-5-[4-azanyl-5-(2-phenylethynyl)pyrrolo[2,3-d]pyrimidin-7-yl]-3,4-bis(oxidanyl)oxolan-2-yl]methylsulfanyl]butanoic acid'
3 water water
#
_entity_poly.entity_id   1
_entity_poly.type   'polypeptide(L)'
_entity_poly.pdbx_seq_one_letter_code
;MDVVSLDKPFMYFEEIDNELDYEPESANEVAKKLPYQGQLKLLLGELFFLSKLQRHGILDGATVVYIGSAPGTHIRYLRD
HFYNLGVIIKWMLIDGRHHDPILNGLRDVTLVTRFVDEEYLRSIKKQLHPSKIILISDVRSKRGGNEPSTADLLSNYALQ
NVMISILNPVASSLKWRCPFPDQWIKDFYIPHGNKMLQPFAPSYSAEMRLLSIYTGENMRLTRVTKSDAVNYEKKMYYLN
KIVRNKVVINFDYPNQEYDYFHMYFMLRTVYCNKTFPTTKAKILFLQQSIFRFLNIPTTSTEKVSHE
;
_entity_poly.pdbx_strand_id   A,B
#
# COMPACT_ATOMS: atom_id res chain seq x y z
N MET A 1 -22.35 -27.28 -26.25
CA MET A 1 -22.55 -25.86 -25.83
C MET A 1 -23.97 -25.40 -26.21
N ASP A 2 -24.76 -24.99 -25.22
CA ASP A 2 -26.11 -24.51 -25.49
C ASP A 2 -26.07 -23.28 -26.38
N VAL A 3 -27.02 -23.19 -27.30
CA VAL A 3 -27.05 -22.11 -28.27
C VAL A 3 -27.71 -20.88 -27.65
N VAL A 4 -27.29 -19.71 -28.13
CA VAL A 4 -27.83 -18.43 -27.66
C VAL A 4 -27.75 -17.44 -28.81
N SER A 5 -28.47 -16.33 -28.67
CA SER A 5 -28.54 -15.30 -29.69
C SER A 5 -28.26 -13.95 -29.01
N LEU A 6 -27.12 -13.34 -29.35
CA LEU A 6 -26.64 -12.14 -28.67
C LEU A 6 -26.33 -11.04 -29.68
N ASP A 7 -26.63 -9.79 -29.29
CA ASP A 7 -26.19 -8.63 -30.05
C ASP A 7 -24.77 -8.21 -29.68
N LYS A 8 -24.32 -8.49 -28.45
CA LYS A 8 -23.01 -8.05 -28.00
C LYS A 8 -22.61 -8.88 -26.79
N PRO A 9 -21.32 -9.12 -26.59
CA PRO A 9 -20.87 -9.82 -25.39
C PRO A 9 -20.79 -8.87 -24.20
N PHE A 10 -20.63 -9.47 -23.02
CA PHE A 10 -20.30 -8.70 -21.82
C PHE A 10 -18.85 -8.26 -21.92
N MET A 11 -18.62 -6.94 -22.02
CA MET A 11 -17.28 -6.40 -22.10
C MET A 11 -16.69 -6.07 -20.74
N TYR A 12 -17.50 -5.62 -19.78
CA TYR A 12 -17.02 -5.22 -18.46
C TYR A 12 -17.81 -5.94 -17.38
N PHE A 13 -17.20 -6.06 -16.20
CA PHE A 13 -17.83 -6.80 -15.12
C PHE A 13 -19.24 -6.28 -14.83
N GLU A 14 -19.41 -4.96 -14.88
CA GLU A 14 -20.67 -4.35 -14.48
C GLU A 14 -21.83 -4.84 -15.34
N GLU A 15 -21.53 -5.37 -16.53
CA GLU A 15 -22.56 -5.78 -17.47
C GLU A 15 -23.11 -7.16 -17.19
N ILE A 16 -22.48 -7.94 -16.31
CA ILE A 16 -22.96 -9.28 -16.01
C ILE A 16 -24.27 -9.16 -15.24
N ASP A 17 -25.34 -9.77 -15.78
CA ASP A 17 -26.70 -9.53 -15.34
C ASP A 17 -27.33 -10.77 -14.70
N ASN A 18 -26.52 -11.61 -14.06
CA ASN A 18 -27.03 -12.80 -13.37
C ASN A 18 -25.88 -13.39 -12.58
N GLU A 19 -26.20 -14.34 -11.71
CA GLU A 19 -25.19 -14.93 -10.84
C GLU A 19 -25.54 -16.38 -10.55
N LEU A 20 -24.54 -17.13 -10.08
CA LEU A 20 -24.67 -18.56 -9.86
C LEU A 20 -23.74 -18.99 -8.73
N ASP A 21 -24.18 -19.96 -7.94
CA ASP A 21 -23.41 -20.42 -6.78
C ASP A 21 -22.18 -21.18 -7.25
N TYR A 22 -21.00 -20.67 -6.89
CA TYR A 22 -19.74 -21.28 -7.30
C TYR A 22 -19.63 -22.71 -6.77
N GLU A 23 -18.95 -23.56 -7.53
CA GLU A 23 -18.74 -24.95 -7.15
C GLU A 23 -17.37 -25.46 -7.58
N LEU A 34 -6.48 -24.13 -25.23
CA LEU A 34 -5.67 -23.66 -26.34
C LEU A 34 -4.18 -23.61 -25.97
N PRO A 35 -3.30 -23.66 -26.97
CA PRO A 35 -1.86 -23.55 -26.72
C PRO A 35 -1.46 -22.11 -26.43
N TYR A 36 -0.78 -21.91 -25.30
CA TYR A 36 -0.35 -20.58 -24.84
C TYR A 36 -1.51 -19.60 -24.80
N GLN A 37 -2.60 -20.05 -24.16
CA GLN A 37 -3.80 -19.24 -24.06
C GLN A 37 -3.61 -18.02 -23.17
N GLY A 38 -2.61 -18.06 -22.27
CA GLY A 38 -2.35 -16.91 -21.42
C GLY A 38 -1.80 -15.72 -22.18
N GLN A 39 -0.88 -15.99 -23.12
CA GLN A 39 -0.35 -14.90 -23.95
C GLN A 39 -1.45 -14.30 -24.83
N LEU A 40 -2.36 -15.15 -25.35
CA LEU A 40 -3.46 -14.63 -26.14
C LEU A 40 -4.39 -13.76 -25.29
N LYS A 41 -4.69 -14.20 -24.06
CA LYS A 41 -5.52 -13.41 -23.18
C LYS A 41 -4.91 -12.03 -22.93
N LEU A 42 -3.63 -12.00 -22.55
CA LEU A 42 -2.97 -10.72 -22.30
C LEU A 42 -2.92 -9.87 -23.55
N LEU A 43 -2.62 -10.48 -24.69
CA LEU A 43 -2.49 -9.71 -25.93
C LEU A 43 -3.79 -9.00 -26.25
N LEU A 44 -4.91 -9.73 -26.21
CA LEU A 44 -6.19 -9.13 -26.53
C LEU A 44 -6.52 -7.99 -25.57
N GLY A 45 -6.37 -8.23 -24.27
CA GLY A 45 -6.71 -7.21 -23.29
C GLY A 45 -5.89 -5.95 -23.44
N GLU A 46 -4.61 -6.09 -23.78
CA GLU A 46 -3.74 -4.92 -23.92
C GLU A 46 -3.88 -4.27 -25.28
N LEU A 47 -4.21 -5.04 -26.32
CA LEU A 47 -4.62 -4.43 -27.58
C LEU A 47 -5.88 -3.59 -27.39
N PHE A 48 -6.83 -4.09 -26.59
CA PHE A 48 -8.07 -3.37 -26.33
C PHE A 48 -7.81 -2.09 -25.57
N PHE A 49 -7.12 -2.20 -24.43
CA PHE A 49 -6.71 -1.06 -23.63
C PHE A 49 -6.01 0.00 -24.48
N LEU A 50 -4.88 -0.37 -25.09
CA LEU A 50 -4.07 0.61 -25.81
C LEU A 50 -4.79 1.17 -27.03
N SER A 51 -5.70 0.40 -27.64
CA SER A 51 -6.44 0.93 -28.78
C SER A 51 -7.53 1.88 -28.32
N LYS A 52 -8.05 1.69 -27.10
CA LYS A 52 -8.95 2.69 -26.52
C LYS A 52 -8.20 3.99 -26.25
N LEU A 53 -6.96 3.89 -25.77
CA LEU A 53 -6.15 5.10 -25.57
C LEU A 53 -5.79 5.74 -26.90
N GLN A 54 -5.63 4.94 -27.96
CA GLN A 54 -5.37 5.52 -29.27
C GLN A 54 -6.60 6.26 -29.79
N ARG A 55 -7.81 5.78 -29.47
CA ARG A 55 -9.02 6.50 -29.88
C ARG A 55 -9.09 7.87 -29.22
N HIS A 56 -8.70 7.95 -27.93
CA HIS A 56 -8.71 9.20 -27.20
C HIS A 56 -7.48 10.07 -27.49
N GLY A 57 -6.67 9.70 -28.47
CA GLY A 57 -5.55 10.54 -28.85
C GLY A 57 -4.51 10.75 -27.76
N ILE A 58 -4.42 9.84 -26.79
CA ILE A 58 -3.44 9.96 -25.72
C ILE A 58 -2.41 8.85 -25.73
N LEU A 59 -2.51 7.89 -26.66
CA LEU A 59 -1.45 6.90 -26.80
C LEU A 59 -0.22 7.50 -27.47
N ASP A 60 -0.43 8.35 -28.47
CA ASP A 60 0.70 8.90 -29.23
C ASP A 60 1.60 9.72 -28.32
N GLY A 61 2.90 9.52 -28.45
CA GLY A 61 3.87 10.25 -27.67
C GLY A 61 4.11 9.72 -26.27
N ALA A 62 3.37 8.72 -25.84
CA ALA A 62 3.47 8.24 -24.47
C ALA A 62 4.61 7.22 -24.34
N THR A 63 4.79 6.72 -23.13
CA THR A 63 5.75 5.68 -22.81
C THR A 63 5.01 4.61 -22.01
N VAL A 64 4.92 3.41 -22.57
CA VAL A 64 4.29 2.31 -21.86
C VAL A 64 5.30 1.74 -20.88
N VAL A 65 5.01 1.83 -19.59
CA VAL A 65 5.76 1.15 -18.55
C VAL A 65 4.99 -0.12 -18.20
N TYR A 66 5.58 -1.27 -18.48
CA TYR A 66 4.95 -2.57 -18.24
C TYR A 66 5.75 -3.28 -17.14
N ILE A 67 5.12 -3.46 -15.98
CA ILE A 67 5.77 -4.04 -14.81
C ILE A 67 5.21 -5.44 -14.60
N GLY A 68 6.11 -6.40 -14.42
CA GLY A 68 5.70 -7.79 -14.46
C GLY A 68 5.49 -8.29 -15.87
N SER A 69 6.31 -7.81 -16.81
CA SER A 69 6.14 -8.07 -18.23
C SER A 69 6.80 -9.35 -18.70
N ALA A 70 7.52 -10.09 -17.83
CA ALA A 70 8.23 -11.24 -18.37
C ALA A 70 7.39 -12.51 -18.23
N PRO A 71 7.50 -13.44 -19.18
CA PRO A 71 8.35 -13.43 -20.39
C PRO A 71 7.87 -12.41 -21.42
N GLY A 72 6.57 -12.18 -21.52
CA GLY A 72 6.05 -11.13 -22.38
C GLY A 72 6.20 -11.39 -23.86
N THR A 73 6.04 -12.64 -24.29
CA THR A 73 6.12 -12.95 -25.72
C THR A 73 5.13 -12.12 -26.51
N HIS A 74 3.90 -11.99 -26.01
CA HIS A 74 2.86 -11.27 -26.74
C HIS A 74 3.20 -9.80 -26.93
N ILE A 75 4.03 -9.22 -26.04
CA ILE A 75 4.29 -7.79 -26.14
C ILE A 75 4.93 -7.43 -27.48
N ARG A 76 5.73 -8.34 -28.05
CA ARG A 76 6.34 -8.05 -29.35
C ARG A 76 5.28 -7.77 -30.40
N TYR A 77 4.19 -8.55 -30.40
CA TYR A 77 3.08 -8.24 -31.29
C TYR A 77 2.53 -6.84 -31.02
N LEU A 78 2.42 -6.47 -29.75
CA LEU A 78 1.90 -5.15 -29.40
C LEU A 78 2.78 -4.06 -30.00
N ARG A 79 4.10 -4.10 -29.75
CA ARG A 79 5.00 -3.14 -30.40
C ARG A 79 4.75 -3.10 -31.90
N ASP A 80 5.10 -4.20 -32.59
CA ASP A 80 5.02 -4.24 -34.04
C ASP A 80 3.70 -3.66 -34.55
N HIS A 81 2.60 -3.93 -33.86
CA HIS A 81 1.31 -3.39 -34.28
C HIS A 81 1.34 -1.87 -34.29
N PHE A 82 1.67 -1.25 -33.17
CA PHE A 82 1.63 0.20 -33.10
C PHE A 82 2.77 0.85 -33.85
N TYR A 83 3.91 0.16 -33.96
CA TYR A 83 4.99 0.68 -34.79
C TYR A 83 4.59 0.73 -36.25
N ASN A 84 3.86 -0.30 -36.72
CA ASN A 84 3.40 -0.32 -38.11
C ASN A 84 2.28 0.67 -38.36
N LEU A 85 1.59 1.13 -37.31
CA LEU A 85 0.59 2.17 -37.43
C LEU A 85 1.20 3.57 -37.35
N GLY A 86 2.51 3.67 -37.20
CA GLY A 86 3.17 4.96 -37.10
C GLY A 86 3.03 5.65 -35.76
N VAL A 87 2.41 5.01 -34.77
CA VAL A 87 2.26 5.61 -33.45
C VAL A 87 3.61 5.60 -32.74
N ILE A 88 4.05 6.78 -32.28
CA ILE A 88 5.31 6.90 -31.57
C ILE A 88 5.09 6.44 -30.13
N ILE A 89 5.68 5.29 -29.80
CA ILE A 89 5.55 4.69 -28.47
C ILE A 89 6.94 4.20 -28.06
N LYS A 90 7.30 4.47 -26.81
CA LYS A 90 8.47 3.87 -26.19
C LYS A 90 8.00 2.87 -25.15
N TRP A 91 8.64 1.69 -25.12
CA TRP A 91 8.27 0.61 -24.21
C TRP A 91 9.36 0.44 -23.16
N MET A 92 8.95 0.33 -21.90
CA MET A 92 9.86 0.03 -20.80
C MET A 92 9.29 -1.19 -20.09
N LEU A 93 9.93 -2.34 -20.27
CA LEU A 93 9.47 -3.61 -19.72
C LEU A 93 10.34 -3.98 -18.54
N ILE A 94 9.76 -4.02 -17.35
CA ILE A 94 10.49 -4.17 -16.10
C ILE A 94 10.00 -5.44 -15.42
N ASP A 95 10.92 -6.35 -15.14
CA ASP A 95 10.58 -7.61 -14.48
C ASP A 95 11.86 -8.19 -13.92
N GLY A 96 11.74 -8.85 -12.76
CA GLY A 96 12.90 -9.52 -12.19
C GLY A 96 13.34 -10.69 -13.03
N ARG A 97 12.38 -11.40 -13.63
CA ARG A 97 12.72 -12.50 -14.51
C ARG A 97 13.13 -11.97 -15.89
N HIS A 98 13.76 -12.83 -16.67
CA HIS A 98 14.23 -12.44 -18.00
C HIS A 98 13.08 -12.51 -18.99
N HIS A 99 13.06 -11.56 -19.91
CA HIS A 99 12.02 -11.47 -20.93
C HIS A 99 12.25 -12.49 -22.03
N ASP A 100 11.20 -12.72 -22.82
CA ASP A 100 11.34 -13.54 -24.01
C ASP A 100 12.38 -12.92 -24.93
N PRO A 101 13.34 -13.70 -25.44
CA PRO A 101 14.37 -13.10 -26.31
C PRO A 101 13.80 -12.48 -27.58
N ILE A 102 12.56 -12.80 -27.96
CA ILE A 102 11.95 -12.21 -29.13
C ILE A 102 11.75 -10.71 -28.98
N LEU A 103 11.87 -10.19 -27.77
CA LEU A 103 11.86 -8.76 -27.53
C LEU A 103 13.21 -8.12 -27.74
N ASN A 104 14.22 -8.89 -28.16
CA ASN A 104 15.57 -8.36 -28.29
C ASN A 104 15.73 -7.55 -29.57
N GLY A 105 16.69 -6.64 -29.53
CA GLY A 105 17.06 -5.90 -30.73
C GLY A 105 16.04 -4.90 -31.21
N LEU A 106 15.23 -4.35 -30.31
CA LEU A 106 14.28 -3.29 -30.65
C LEU A 106 14.71 -2.02 -29.93
N ARG A 107 15.03 -0.98 -30.70
CA ARG A 107 15.58 0.23 -30.11
C ARG A 107 14.55 0.98 -29.27
N ASP A 108 13.27 0.86 -29.62
CA ASP A 108 12.21 1.54 -28.88
C ASP A 108 11.68 0.71 -27.72
N VAL A 109 12.25 -0.46 -27.45
CA VAL A 109 11.86 -1.30 -26.33
C VAL A 109 13.06 -1.41 -25.39
N THR A 110 12.87 -1.00 -24.13
CA THR A 110 13.89 -1.11 -23.10
C THR A 110 13.54 -2.30 -22.21
N LEU A 111 14.47 -3.24 -22.07
CA LEU A 111 14.30 -4.37 -21.18
C LEU A 111 15.06 -4.08 -19.89
N VAL A 112 14.36 -4.18 -18.76
CA VAL A 112 14.93 -3.91 -17.44
C VAL A 112 14.72 -5.14 -16.58
N THR A 113 15.81 -5.68 -16.04
CA THR A 113 15.78 -6.87 -15.21
C THR A 113 15.86 -6.42 -13.76
N ARG A 114 14.71 -6.21 -13.14
CA ARG A 114 14.66 -5.67 -11.78
C ARG A 114 13.26 -5.85 -11.23
N PHE A 115 13.18 -6.18 -9.95
CA PHE A 115 11.93 -6.13 -9.21
C PHE A 115 11.73 -4.72 -8.68
N VAL A 116 10.60 -4.12 -9.02
CA VAL A 116 10.39 -2.72 -8.65
C VAL A 116 9.95 -2.64 -7.20
N ASP A 117 10.39 -1.57 -6.54
CA ASP A 117 9.91 -1.18 -5.24
C ASP A 117 9.63 0.32 -5.27
N GLU A 118 9.18 0.85 -4.13
CA GLU A 118 8.86 2.27 -4.05
C GLU A 118 10.03 3.13 -4.51
N GLU A 119 11.23 2.84 -4.01
CA GLU A 119 12.40 3.63 -4.37
C GLU A 119 12.60 3.63 -5.87
N TYR A 120 12.51 2.45 -6.50
CA TYR A 120 12.81 2.36 -7.93
C TYR A 120 11.72 2.99 -8.78
N LEU A 121 10.47 2.95 -8.31
CA LEU A 121 9.41 3.67 -9.00
C LEU A 121 9.70 5.17 -9.02
N ARG A 122 10.25 5.70 -7.92
CA ARG A 122 10.63 7.11 -7.88
C ARG A 122 11.63 7.45 -8.97
N SER A 123 12.64 6.60 -9.16
CA SER A 123 13.70 6.89 -10.13
C SER A 123 13.21 6.69 -11.56
N ILE A 124 12.33 5.71 -11.80
CA ILE A 124 11.69 5.63 -13.11
C ILE A 124 10.99 6.94 -13.43
N LYS A 125 10.16 7.41 -12.50
CA LYS A 125 9.38 8.62 -12.74
C LYS A 125 10.29 9.82 -13.03
N LYS A 126 11.39 9.93 -12.27
CA LYS A 126 12.32 11.04 -12.49
C LYS A 126 12.87 11.03 -13.91
N GLN A 127 13.22 9.85 -14.42
CA GLN A 127 13.87 9.78 -15.72
C GLN A 127 12.91 9.83 -16.90
N LEU A 128 11.61 9.63 -16.68
CA LEU A 128 10.63 9.76 -17.75
C LEU A 128 9.86 11.06 -17.69
N HIS A 129 9.70 11.63 -16.51
CA HIS A 129 9.08 12.94 -16.36
C HIS A 129 9.70 13.93 -17.35
N PRO A 130 8.90 14.79 -18.00
CA PRO A 130 7.45 14.96 -17.93
C PRO A 130 6.70 14.29 -19.07
N SER A 131 7.18 13.15 -19.57
CA SER A 131 6.49 12.45 -20.65
C SER A 131 5.33 11.64 -20.09
N LYS A 132 4.26 11.55 -20.88
CA LYS A 132 3.13 10.70 -20.55
C LYS A 132 3.59 9.29 -20.24
N ILE A 133 3.11 8.75 -19.12
CA ILE A 133 3.33 7.36 -18.75
C ILE A 133 2.01 6.62 -18.85
N ILE A 134 2.03 5.46 -19.48
CA ILE A 134 0.91 4.51 -19.49
C ILE A 134 1.37 3.24 -18.79
N LEU A 135 0.60 2.81 -17.80
CA LEU A 135 1.02 1.75 -16.89
C LEU A 135 0.26 0.46 -17.17
N ILE A 136 1.00 -0.62 -17.39
CA ILE A 136 0.41 -1.96 -17.48
C ILE A 136 1.15 -2.80 -16.45
N SER A 137 0.44 -3.25 -15.42
CA SER A 137 1.00 -4.10 -14.37
C SER A 137 0.35 -5.47 -14.44
N ASP A 138 1.19 -6.51 -14.45
CA ASP A 138 0.72 -7.89 -14.37
C ASP A 138 1.49 -8.65 -13.30
N VAL A 139 1.92 -7.96 -12.23
CA VAL A 139 2.80 -8.57 -11.25
C VAL A 139 2.03 -9.58 -10.41
N ARG A 140 2.72 -10.63 -9.98
CA ARG A 140 2.16 -11.58 -9.04
C ARG A 140 3.28 -12.21 -8.21
N SER A 141 2.95 -12.56 -6.98
CA SER A 141 3.92 -13.17 -6.06
C SER A 141 3.56 -14.63 -5.80
N GLU A 147 -0.49 -21.44 -5.61
CA GLU A 147 -1.58 -20.46 -5.69
C GLU A 147 -1.34 -19.31 -4.72
N PRO A 148 -1.77 -18.10 -5.09
CA PRO A 148 -1.53 -16.95 -4.22
C PRO A 148 -2.56 -16.84 -3.10
N SER A 149 -2.09 -16.40 -1.94
CA SER A 149 -2.95 -16.17 -0.79
C SER A 149 -3.55 -14.76 -0.85
N THR A 150 -4.44 -14.45 0.10
CA THR A 150 -5.05 -13.13 0.13
C THR A 150 -4.04 -12.07 0.56
N ALA A 151 -3.13 -12.43 1.47
CA ALA A 151 -2.05 -11.50 1.82
C ALA A 151 -1.19 -11.19 0.60
N ASP A 152 -0.93 -12.19 -0.24
CA ASP A 152 -0.21 -11.96 -1.48
C ASP A 152 -0.95 -10.96 -2.35
N LEU A 153 -2.26 -11.17 -2.57
CA LEU A 153 -3.02 -10.26 -3.41
C LEU A 153 -3.04 -8.86 -2.82
N LEU A 154 -3.21 -8.76 -1.51
CA LEU A 154 -3.25 -7.46 -0.86
C LEU A 154 -1.95 -6.71 -1.04
N SER A 155 -0.81 -7.40 -0.86
CA SER A 155 0.48 -6.76 -1.11
C SER A 155 0.59 -6.33 -2.57
N ASN A 156 0.22 -7.23 -3.49
CA ASN A 156 0.25 -6.89 -4.90
C ASN A 156 -0.54 -5.62 -5.18
N TYR A 157 -1.77 -5.55 -4.67
CA TYR A 157 -2.62 -4.40 -4.96
C TYR A 157 -2.14 -3.15 -4.23
N ALA A 158 -1.51 -3.32 -3.07
CA ALA A 158 -0.86 -2.18 -2.44
C ALA A 158 0.27 -1.66 -3.34
N LEU A 159 1.05 -2.56 -3.93
CA LEU A 159 2.12 -2.13 -4.82
C LEU A 159 1.58 -1.42 -6.05
N GLN A 160 0.44 -1.88 -6.58
CA GLN A 160 -0.11 -1.27 -7.78
C GLN A 160 -0.65 0.13 -7.48
N ASN A 161 -1.23 0.33 -6.28
CA ASN A 161 -1.59 1.69 -5.90
C ASN A 161 -0.34 2.56 -5.79
N VAL A 162 0.74 2.02 -5.21
CA VAL A 162 2.00 2.75 -5.15
C VAL A 162 2.48 3.09 -6.55
N MET A 163 2.35 2.15 -7.49
CA MET A 163 2.75 2.42 -8.87
C MET A 163 2.02 3.64 -9.41
N ILE A 164 0.71 3.70 -9.18
CA ILE A 164 -0.09 4.79 -9.71
C ILE A 164 0.25 6.10 -8.99
N SER A 165 0.43 6.05 -7.66
CA SER A 165 0.67 7.28 -6.94
C SER A 165 2.01 7.90 -7.33
N ILE A 166 3.02 7.08 -7.60
CA ILE A 166 4.34 7.60 -7.96
C ILE A 166 4.45 7.85 -9.46
N LEU A 167 4.18 6.84 -10.29
CA LEU A 167 4.31 7.05 -11.74
C LEU A 167 3.27 8.05 -12.24
N ASN A 168 2.09 8.08 -11.64
CA ASN A 168 1.04 9.03 -12.02
C ASN A 168 0.72 8.87 -13.50
N PRO A 169 0.39 7.68 -13.96
CA PRO A 169 0.20 7.47 -15.40
C PRO A 169 -1.06 8.16 -15.90
N VAL A 170 -1.04 8.54 -17.17
CA VAL A 170 -2.25 9.09 -17.76
C VAL A 170 -3.33 8.03 -17.88
N ALA A 171 -2.95 6.76 -17.92
CA ALA A 171 -3.89 5.65 -17.90
C ALA A 171 -3.18 4.44 -17.35
N SER A 172 -3.95 3.44 -16.93
CA SER A 172 -3.35 2.22 -16.42
C SER A 172 -4.27 1.03 -16.69
N SER A 173 -3.63 -0.14 -16.86
CA SER A 173 -4.31 -1.42 -16.87
C SER A 173 -3.71 -2.27 -15.76
N LEU A 174 -4.52 -2.64 -14.78
CA LEU A 174 -4.03 -3.33 -13.59
C LEU A 174 -4.67 -4.70 -13.46
N LYS A 175 -3.85 -5.71 -13.24
CA LYS A 175 -4.31 -7.03 -12.84
C LYS A 175 -5.24 -6.91 -11.63
N TRP A 176 -6.46 -7.40 -11.77
CA TRP A 176 -7.48 -7.25 -10.73
C TRP A 176 -8.22 -8.56 -10.57
N ARG A 177 -7.97 -9.24 -9.46
CA ARG A 177 -8.79 -10.38 -9.04
C ARG A 177 -9.11 -10.22 -7.57
N CYS A 178 -10.39 -10.09 -7.25
CA CYS A 178 -10.79 -9.91 -5.87
C CYS A 178 -10.47 -11.16 -5.05
N PRO A 179 -10.01 -11.00 -3.80
CA PRO A 179 -9.78 -12.19 -2.97
C PRO A 179 -11.09 -12.91 -2.69
N PHE A 180 -11.02 -14.23 -2.64
CA PHE A 180 -12.21 -15.03 -2.45
C PHE A 180 -12.87 -14.67 -1.13
N PRO A 181 -14.20 -14.64 -1.06
CA PRO A 181 -14.85 -14.25 0.20
C PRO A 181 -14.52 -15.18 1.36
N ASP A 182 -14.27 -16.46 1.11
CA ASP A 182 -13.92 -17.39 2.17
C ASP A 182 -12.45 -17.30 2.57
N GLN A 183 -11.67 -16.39 1.99
CA GLN A 183 -10.31 -16.13 2.39
C GLN A 183 -10.09 -14.66 2.75
N TRP A 184 -11.16 -13.96 3.10
CA TRP A 184 -11.08 -12.53 3.38
C TRP A 184 -10.18 -12.27 4.57
N ILE A 185 -9.60 -11.06 4.58
CA ILE A 185 -8.69 -10.64 5.64
C ILE A 185 -9.11 -9.27 6.14
N LYS A 186 -9.23 -8.31 5.22
CA LYS A 186 -9.67 -6.97 5.56
C LYS A 186 -10.15 -6.28 4.28
N ASP A 187 -10.83 -5.17 4.46
CA ASP A 187 -11.18 -4.32 3.32
C ASP A 187 -9.94 -3.59 2.82
N PHE A 188 -9.90 -3.35 1.51
CA PHE A 188 -8.77 -2.67 0.88
C PHE A 188 -9.31 -1.71 -0.17
N TYR A 189 -8.40 -0.97 -0.80
CA TYR A 189 -8.77 0.08 -1.75
C TYR A 189 -8.09 -0.13 -3.09
N ILE A 190 -8.83 0.10 -4.17
CA ILE A 190 -8.28 0.05 -5.52
C ILE A 190 -8.71 1.31 -6.26
N PRO A 191 -8.03 1.64 -7.35
CA PRO A 191 -8.42 2.82 -8.12
C PRO A 191 -9.77 2.64 -8.78
N HIS A 192 -10.41 3.76 -9.08
CA HIS A 192 -11.60 3.72 -9.92
C HIS A 192 -11.20 3.32 -11.34
N GLY A 193 -12.14 2.72 -12.05
CA GLY A 193 -11.87 2.29 -13.41
C GLY A 193 -12.86 1.23 -13.84
N ASN A 194 -12.79 0.90 -15.12
CA ASN A 194 -13.67 -0.10 -15.71
C ASN A 194 -12.98 -1.46 -15.67
N LYS A 195 -13.71 -2.47 -15.24
CA LYS A 195 -13.16 -3.79 -14.98
C LYS A 195 -13.38 -4.63 -16.23
N MET A 196 -12.39 -4.60 -17.12
CA MET A 196 -12.49 -5.25 -18.42
C MET A 196 -12.48 -6.77 -18.25
N LEU A 197 -13.38 -7.45 -18.96
CA LEU A 197 -13.43 -8.90 -18.95
C LEU A 197 -12.50 -9.46 -20.02
N GLN A 198 -11.89 -10.60 -19.71
CA GLN A 198 -10.83 -11.17 -20.54
C GLN A 198 -11.33 -12.41 -21.25
N PRO A 199 -11.38 -12.44 -22.59
CA PRO A 199 -11.66 -13.70 -23.27
C PRO A 199 -10.44 -14.61 -23.24
N PHE A 200 -10.70 -15.90 -23.41
CA PHE A 200 -9.64 -16.91 -23.37
C PHE A 200 -8.87 -16.88 -22.05
N ALA A 201 -9.50 -16.36 -20.99
CA ALA A 201 -9.00 -16.60 -19.65
C ALA A 201 -9.19 -18.06 -19.30
N PRO A 202 -8.52 -18.55 -18.26
CA PRO A 202 -8.75 -19.93 -17.83
C PRO A 202 -10.22 -20.16 -17.51
N SER A 203 -10.62 -21.43 -17.58
CA SER A 203 -12.05 -21.76 -17.64
C SER A 203 -12.84 -21.07 -16.55
N TYR A 204 -12.33 -21.07 -15.32
CA TYR A 204 -13.06 -20.48 -14.19
C TYR A 204 -12.21 -19.43 -13.47
N SER A 205 -11.43 -18.66 -14.23
CA SER A 205 -10.73 -17.54 -13.66
C SER A 205 -11.70 -16.41 -13.35
N ALA A 206 -11.47 -15.71 -12.23
CA ALA A 206 -12.24 -14.53 -11.88
C ALA A 206 -11.40 -13.26 -12.01
N GLU A 207 -10.38 -13.29 -12.87
CA GLU A 207 -9.48 -12.17 -13.06
C GLU A 207 -10.01 -11.25 -14.15
N MET A 208 -9.92 -9.94 -13.91
CA MET A 208 -10.24 -8.92 -14.89
C MET A 208 -9.06 -7.95 -14.96
N ARG A 209 -9.13 -6.98 -15.88
CA ARG A 209 -8.15 -5.90 -15.97
C ARG A 209 -8.84 -4.60 -15.61
N LEU A 210 -8.35 -3.94 -14.57
CA LEU A 210 -8.89 -2.65 -14.16
C LEU A 210 -8.33 -1.56 -15.07
N LEU A 211 -9.18 -0.97 -15.90
CA LEU A 211 -8.77 0.04 -16.86
C LEU A 211 -9.15 1.42 -16.32
N SER A 212 -8.15 2.29 -16.16
CA SER A 212 -8.35 3.62 -15.61
C SER A 212 -7.79 4.67 -16.55
N ILE A 213 -8.53 5.76 -16.71
CA ILE A 213 -8.08 6.97 -17.39
C ILE A 213 -8.18 8.10 -16.39
N TYR A 214 -7.06 8.75 -16.11
CA TYR A 214 -6.96 9.72 -15.01
C TYR A 214 -7.16 11.14 -15.53
N THR A 215 -8.04 11.88 -14.86
CA THR A 215 -8.37 13.25 -15.24
C THR A 215 -8.11 14.21 -14.08
N MET A 219 -6.64 10.53 -8.85
CA MET A 219 -6.99 9.13 -8.67
C MET A 219 -7.76 8.92 -7.37
N ARG A 220 -9.05 8.61 -7.48
CA ARG A 220 -9.89 8.33 -6.32
C ARG A 220 -9.92 6.82 -6.10
N LEU A 221 -9.76 6.42 -4.84
CA LEU A 221 -9.72 5.01 -4.47
C LEU A 221 -11.09 4.53 -4.02
N THR A 222 -11.36 3.26 -4.26
CA THR A 222 -12.63 2.64 -3.91
C THR A 222 -12.42 1.51 -2.90
N ARG A 223 -13.28 1.48 -1.88
CA ARG A 223 -13.25 0.43 -0.87
C ARG A 223 -13.83 -0.85 -1.44
N VAL A 224 -13.13 -1.97 -1.22
CA VAL A 224 -13.59 -3.29 -1.65
C VAL A 224 -13.90 -4.09 -0.39
N THR A 225 -15.14 -4.58 -0.29
CA THR A 225 -15.63 -5.25 0.90
C THR A 225 -15.84 -6.73 0.64
N LYS A 226 -16.03 -7.49 1.72
CA LYS A 226 -16.23 -8.93 1.59
C LYS A 226 -17.48 -9.25 0.79
N SER A 227 -18.47 -8.36 0.78
CA SER A 227 -19.66 -8.59 -0.04
C SER A 227 -19.32 -8.44 -1.51
N ASP A 228 -18.54 -7.42 -1.86
CA ASP A 228 -18.01 -7.32 -3.22
C ASP A 228 -17.33 -8.61 -3.64
N ALA A 229 -16.54 -9.20 -2.74
CA ALA A 229 -15.88 -10.46 -3.06
C ALA A 229 -16.90 -11.55 -3.39
N VAL A 230 -18.01 -11.60 -2.65
CA VAL A 230 -19.07 -12.56 -2.96
C VAL A 230 -19.69 -12.23 -4.32
N ASN A 231 -19.96 -10.96 -4.58
CA ASN A 231 -20.57 -10.60 -5.85
C ASN A 231 -19.65 -10.94 -7.02
N TYR A 232 -18.35 -10.69 -6.87
CA TYR A 232 -17.41 -11.09 -7.91
C TYR A 232 -17.46 -12.60 -8.13
N GLU A 233 -17.36 -13.37 -7.05
CA GLU A 233 -17.27 -14.82 -7.17
C GLU A 233 -18.50 -15.38 -7.87
N LYS A 234 -19.68 -14.84 -7.59
CA LYS A 234 -20.91 -15.38 -8.14
C LYS A 234 -21.15 -14.88 -9.58
N LYS A 235 -20.86 -13.61 -9.86
CA LYS A 235 -21.03 -13.11 -11.21
C LYS A 235 -20.03 -13.74 -12.17
N MET A 236 -18.79 -13.94 -11.72
CA MET A 236 -17.79 -14.56 -12.60
C MET A 236 -18.08 -16.04 -12.81
N TYR A 237 -18.65 -16.72 -11.80
CA TYR A 237 -18.96 -18.13 -11.99
C TYR A 237 -20.10 -18.29 -12.99
N TYR A 238 -21.13 -17.46 -12.89
CA TYR A 238 -22.16 -17.48 -13.92
C TYR A 238 -21.57 -17.21 -15.29
N LEU A 239 -20.65 -16.25 -15.38
CA LEU A 239 -20.01 -15.93 -16.64
C LEU A 239 -19.25 -17.13 -17.19
N ASN A 240 -18.49 -17.81 -16.33
CA ASN A 240 -17.61 -18.88 -16.79
C ASN A 240 -18.38 -20.17 -17.03
N LYS A 241 -19.37 -20.47 -16.19
CA LYS A 241 -20.10 -21.73 -16.32
C LYS A 241 -21.17 -21.64 -17.40
N ILE A 242 -21.91 -20.54 -17.45
CA ILE A 242 -23.05 -20.43 -18.35
C ILE A 242 -22.67 -19.64 -19.59
N VAL A 243 -22.28 -18.37 -19.41
CA VAL A 243 -22.17 -17.46 -20.55
C VAL A 243 -21.09 -17.94 -21.52
N ARG A 244 -19.91 -18.26 -21.00
CA ARG A 244 -18.79 -18.58 -21.89
C ARG A 244 -18.93 -19.95 -22.55
N ASN A 245 -19.88 -20.78 -22.12
CA ASN A 245 -20.08 -22.08 -22.73
C ASN A 245 -21.21 -22.08 -23.75
N LYS A 246 -21.58 -20.91 -24.27
CA LYS A 246 -22.65 -20.79 -25.25
C LYS A 246 -22.07 -20.66 -26.66
N VAL A 247 -22.90 -21.00 -27.64
CA VAL A 247 -22.63 -20.75 -29.05
C VAL A 247 -23.55 -19.61 -29.49
N VAL A 248 -22.96 -18.56 -30.03
CA VAL A 248 -23.72 -17.41 -30.50
C VAL A 248 -24.11 -17.71 -31.95
N ILE A 249 -25.33 -18.21 -32.14
CA ILE A 249 -25.71 -18.77 -33.43
C ILE A 249 -25.97 -17.68 -34.46
N ASN A 250 -26.36 -16.49 -34.03
CA ASN A 250 -26.51 -15.37 -34.96
C ASN A 250 -25.15 -14.82 -35.40
N PHE A 251 -24.09 -15.09 -34.65
CA PHE A 251 -22.77 -14.53 -34.92
C PHE A 251 -22.23 -15.05 -36.25
N ASP A 252 -21.95 -14.14 -37.18
CA ASP A 252 -21.39 -14.48 -38.49
C ASP A 252 -19.88 -14.53 -38.37
N TYR A 253 -19.36 -15.71 -38.09
CA TYR A 253 -17.92 -15.89 -37.90
C TYR A 253 -17.60 -17.37 -37.99
N PRO A 254 -16.40 -17.75 -38.43
CA PRO A 254 -16.08 -19.18 -38.56
C PRO A 254 -16.16 -19.94 -37.24
N ASN A 255 -16.07 -19.25 -36.10
CA ASN A 255 -16.18 -19.87 -34.80
C ASN A 255 -17.14 -19.03 -33.96
N GLN A 256 -18.23 -19.63 -33.52
CA GLN A 256 -19.30 -18.92 -32.83
C GLN A 256 -19.29 -19.16 -31.32
N GLU A 257 -18.25 -19.79 -30.79
CA GLU A 257 -18.14 -19.93 -29.34
C GLU A 257 -17.93 -18.56 -28.72
N TYR A 258 -18.56 -18.35 -27.56
CA TYR A 258 -18.65 -17.00 -26.98
C TYR A 258 -17.29 -16.31 -26.93
N ASP A 259 -16.23 -17.01 -26.53
CA ASP A 259 -14.93 -16.37 -26.40
C ASP A 259 -14.47 -15.75 -27.71
N TYR A 260 -14.82 -16.36 -28.84
CA TYR A 260 -14.51 -15.76 -30.13
C TYR A 260 -15.44 -14.58 -30.41
N PHE A 261 -16.70 -14.71 -30.02
CA PHE A 261 -17.61 -13.57 -30.07
C PHE A 261 -17.11 -12.43 -29.19
N HIS A 262 -16.61 -12.77 -27.99
CA HIS A 262 -16.02 -11.77 -27.10
C HIS A 262 -14.79 -11.15 -27.74
N MET A 263 -13.85 -11.98 -28.19
CA MET A 263 -12.64 -11.47 -28.84
C MET A 263 -13.00 -10.57 -30.02
N TYR A 264 -13.95 -11.01 -30.84
CA TYR A 264 -14.33 -10.25 -32.03
C TYR A 264 -14.69 -8.82 -31.70
N PHE A 265 -15.41 -8.61 -30.58
CA PHE A 265 -15.80 -7.25 -30.23
C PHE A 265 -14.63 -6.44 -29.66
N MET A 266 -13.66 -7.10 -29.05
CA MET A 266 -12.44 -6.40 -28.65
C MET A 266 -11.62 -6.00 -29.87
N LEU A 267 -11.46 -6.92 -30.83
CA LEU A 267 -10.59 -6.65 -31.97
C LEU A 267 -11.14 -5.61 -32.94
N ARG A 268 -12.41 -5.23 -32.83
CA ARG A 268 -12.93 -4.21 -33.73
C ARG A 268 -12.64 -2.79 -33.25
N THR A 269 -12.15 -2.64 -32.03
CA THR A 269 -11.64 -1.35 -31.57
C THR A 269 -10.19 -1.12 -31.97
N VAL A 270 -9.58 -2.07 -32.67
CA VAL A 270 -8.18 -2.00 -33.06
C VAL A 270 -8.05 -1.30 -34.39
N TYR A 271 -7.11 -0.37 -34.49
CA TYR A 271 -6.85 0.30 -35.75
C TYR A 271 -5.92 -0.53 -36.64
N CYS A 272 -5.94 -0.23 -37.93
CA CYS A 272 -5.11 -0.99 -38.83
C CYS A 272 -4.84 -0.13 -40.06
N ASN A 273 -3.62 -0.21 -40.59
CA ASN A 273 -3.27 0.58 -41.76
C ASN A 273 -3.90 0.02 -43.01
N LYS A 274 -4.09 -1.29 -43.06
CA LYS A 274 -4.64 -1.94 -44.24
C LYS A 274 -6.16 -1.78 -44.25
N THR A 275 -6.72 -1.70 -45.47
CA THR A 275 -8.16 -1.54 -45.64
C THR A 275 -8.79 -2.87 -46.03
N PHE A 276 -10.00 -3.11 -45.52
CA PHE A 276 -10.69 -4.37 -45.71
C PHE A 276 -12.08 -4.13 -46.26
N PRO A 277 -12.60 -5.06 -47.07
CA PRO A 277 -13.96 -4.88 -47.62
C PRO A 277 -15.07 -4.93 -46.58
N THR A 278 -14.84 -5.55 -45.43
CA THR A 278 -15.84 -5.63 -44.38
C THR A 278 -15.14 -5.66 -43.04
N THR A 279 -15.90 -5.33 -41.98
CA THR A 279 -15.34 -5.43 -40.64
C THR A 279 -14.96 -6.86 -40.31
N LYS A 280 -15.85 -7.82 -40.63
CA LYS A 280 -15.52 -9.22 -40.42
C LYS A 280 -14.20 -9.58 -41.10
N ALA A 281 -13.96 -9.04 -42.29
CA ALA A 281 -12.70 -9.33 -42.97
C ALA A 281 -11.52 -8.83 -42.14
N LYS A 282 -11.68 -7.67 -41.50
CA LYS A 282 -10.61 -7.11 -40.68
C LYS A 282 -10.32 -7.99 -39.48
N ILE A 283 -11.36 -8.26 -38.68
CA ILE A 283 -11.19 -9.05 -37.46
C ILE A 283 -10.58 -10.41 -37.81
N LEU A 284 -11.09 -11.05 -38.85
CA LEU A 284 -10.55 -12.34 -39.26
C LEU A 284 -9.06 -12.23 -39.56
N PHE A 285 -8.66 -11.19 -40.28
CA PHE A 285 -7.24 -11.00 -40.56
C PHE A 285 -6.46 -10.76 -39.27
N LEU A 286 -7.01 -9.93 -38.38
CA LEU A 286 -6.34 -9.68 -37.11
C LEU A 286 -6.16 -10.97 -36.32
N GLN A 287 -7.25 -11.74 -36.14
CA GLN A 287 -7.15 -12.99 -35.41
C GLN A 287 -6.15 -13.92 -36.09
N GLN A 288 -6.18 -13.99 -37.42
CA GLN A 288 -5.18 -14.80 -38.11
C GLN A 288 -3.78 -14.33 -37.79
N SER A 289 -3.57 -13.02 -37.79
CA SER A 289 -2.24 -12.47 -37.50
C SER A 289 -1.84 -12.74 -36.05
N ILE A 290 -2.77 -12.60 -35.11
CA ILE A 290 -2.48 -12.85 -33.71
C ILE A 290 -2.20 -14.33 -33.48
N PHE A 291 -3.08 -15.21 -33.96
CA PHE A 291 -2.90 -16.63 -33.74
C PHE A 291 -1.61 -17.13 -34.37
N ARG A 292 -1.30 -16.66 -35.58
CA ARG A 292 -0.08 -17.09 -36.25
C ARG A 292 1.15 -16.73 -35.42
N PHE A 293 1.22 -15.49 -34.94
CA PHE A 293 2.41 -15.06 -34.21
C PHE A 293 2.55 -15.83 -32.89
N LEU A 294 1.44 -16.11 -32.23
CA LEU A 294 1.47 -16.90 -30.99
C LEU A 294 1.47 -18.40 -31.26
N ASN A 295 1.47 -18.81 -32.54
CA ASN A 295 1.56 -20.22 -32.90
C ASN A 295 0.35 -21.01 -32.44
N ILE A 296 -0.84 -20.42 -32.61
CA ILE A 296 -2.09 -21.08 -32.28
C ILE A 296 -2.74 -21.56 -33.58
N PRO A 297 -3.16 -22.83 -33.67
CA PRO A 297 -3.88 -23.29 -34.87
C PRO A 297 -5.25 -22.63 -35.01
N VAL B 3 -3.59 28.41 35.40
CA VAL B 3 -2.18 28.31 35.74
C VAL B 3 -1.98 27.22 36.80
N VAL B 4 -0.76 26.71 36.90
CA VAL B 4 -0.44 25.64 37.84
C VAL B 4 1.06 25.61 38.03
N SER B 5 1.51 25.04 39.15
CA SER B 5 2.92 24.83 39.43
C SER B 5 3.20 23.34 39.46
N LEU B 6 4.15 22.90 38.64
CA LEU B 6 4.49 21.48 38.53
C LEU B 6 6.00 21.31 38.59
N ASP B 7 6.43 20.23 39.24
CA ASP B 7 7.83 19.84 39.21
C ASP B 7 8.18 18.93 38.04
N LYS B 8 7.19 18.21 37.50
CA LYS B 8 7.39 17.32 36.37
C LYS B 8 6.05 17.00 35.77
N PRO B 9 5.97 16.76 34.44
CA PRO B 9 4.69 16.37 33.85
C PRO B 9 4.45 14.88 33.96
N PHE B 10 3.33 14.41 33.44
CA PHE B 10 2.99 12.99 33.47
C PHE B 10 3.60 12.34 32.23
N MET B 11 4.59 11.49 32.45
CA MET B 11 5.31 10.83 31.36
C MET B 11 4.66 9.49 30.98
N TYR B 12 4.03 8.82 31.92
CA TYR B 12 3.41 7.53 31.68
C TYR B 12 2.01 7.53 32.28
N PHE B 13 1.18 6.61 31.78
CA PHE B 13 -0.23 6.59 32.16
C PHE B 13 -0.39 6.36 33.66
N GLU B 14 0.46 5.50 34.24
CA GLU B 14 0.31 5.15 35.66
C GLU B 14 0.46 6.36 36.58
N GLU B 15 1.02 7.46 36.09
CA GLU B 15 1.26 8.64 36.92
C GLU B 15 0.05 9.56 37.02
N ILE B 16 -0.98 9.33 36.19
CA ILE B 16 -2.19 10.15 36.26
C ILE B 16 -2.92 9.84 37.56
N ASP B 17 -3.12 10.86 38.39
CA ASP B 17 -3.58 10.69 39.76
C ASP B 17 -5.00 11.19 39.99
N ASN B 18 -5.81 11.27 38.94
CA ASN B 18 -7.21 11.67 39.08
C ASN B 18 -7.96 11.27 37.83
N GLU B 19 -9.28 11.40 37.89
CA GLU B 19 -10.15 11.02 36.78
C GLU B 19 -11.29 12.02 36.64
N LEU B 20 -11.95 11.99 35.49
CA LEU B 20 -13.06 12.88 35.20
C LEU B 20 -14.01 12.18 34.25
N ASP B 21 -15.31 12.32 34.52
CA ASP B 21 -16.33 11.67 33.69
C ASP B 21 -16.23 12.19 32.26
N TYR B 22 -16.13 11.25 31.31
CA TYR B 22 -16.00 11.62 29.91
C TYR B 22 -17.30 12.24 29.39
N GLU B 23 -17.16 13.28 28.56
CA GLU B 23 -18.32 13.95 27.96
C GLU B 23 -18.09 14.22 26.49
N LYS B 33 -5.04 21.62 16.02
CA LYS B 33 -4.63 23.02 16.13
C LYS B 33 -3.36 23.29 15.34
N LEU B 34 -2.26 22.64 15.75
CA LEU B 34 -0.97 22.90 15.14
C LEU B 34 -0.85 22.22 13.78
N PRO B 35 0.06 22.70 12.94
CA PRO B 35 0.28 22.05 11.63
C PRO B 35 1.21 20.86 11.75
N TYR B 36 0.90 19.81 10.99
CA TYR B 36 1.68 18.57 11.02
C TYR B 36 1.83 18.07 12.46
N GLN B 37 0.77 18.22 13.24
CA GLN B 37 0.84 17.85 14.65
C GLN B 37 0.96 16.33 14.83
N GLY B 38 0.41 15.56 13.89
CA GLY B 38 0.55 14.11 13.98
C GLY B 38 1.98 13.67 13.82
N GLN B 39 2.70 14.24 12.84
CA GLN B 39 4.10 13.91 12.65
C GLN B 39 4.95 14.38 13.84
N LEU B 40 4.58 15.49 14.46
CA LEU B 40 5.29 15.94 15.66
C LEU B 40 5.04 14.98 16.82
N LYS B 41 3.82 14.46 16.94
CA LYS B 41 3.51 13.53 18.02
C LYS B 41 4.34 12.25 17.91
N LEU B 42 4.40 11.67 16.71
CA LEU B 42 5.21 10.47 16.52
C LEU B 42 6.69 10.77 16.71
N LEU B 43 7.15 11.87 16.14
CA LEU B 43 8.57 12.21 16.22
C LEU B 43 9.02 12.31 17.67
N LEU B 44 8.27 13.04 18.49
CA LEU B 44 8.64 13.21 19.89
C LEU B 44 8.68 11.87 20.61
N GLY B 45 7.68 11.02 20.38
CA GLY B 45 7.62 9.74 21.08
C GLY B 45 8.69 8.77 20.61
N GLU B 46 8.98 8.77 19.32
CA GLU B 46 9.98 7.83 18.78
C GLU B 46 11.39 8.29 19.06
N LEU B 47 11.61 9.61 19.14
CA LEU B 47 12.87 10.11 19.67
C LEU B 47 13.04 9.69 21.13
N PHE B 48 11.99 9.86 21.93
CA PHE B 48 12.03 9.47 23.33
C PHE B 48 12.31 7.98 23.47
N PHE B 49 11.59 7.16 22.72
CA PHE B 49 11.75 5.72 22.79
C PHE B 49 13.14 5.30 22.33
N LEU B 50 13.60 5.82 21.19
CA LEU B 50 14.88 5.40 20.66
C LEU B 50 16.04 5.94 21.48
N SER B 51 15.93 7.18 21.98
CA SER B 51 16.97 7.71 22.85
C SER B 51 17.12 6.85 24.11
N LYS B 52 16.00 6.38 24.67
CA LYS B 52 16.07 5.48 25.81
C LYS B 52 16.82 4.21 25.46
N LEU B 53 16.66 3.72 24.23
CA LEU B 53 17.37 2.51 23.82
C LEU B 53 18.85 2.78 23.62
N GLN B 54 19.20 3.92 23.02
CA GLN B 54 20.60 4.31 22.92
C GLN B 54 21.24 4.39 24.30
N ARG B 55 20.46 4.80 25.30
CA ARG B 55 20.96 4.96 26.65
C ARG B 55 21.16 3.63 27.35
N HIS B 56 20.36 2.62 27.03
CA HIS B 56 20.64 1.25 27.46
C HIS B 56 21.66 0.56 26.59
N GLY B 57 22.19 1.24 25.58
CA GLY B 57 23.22 0.66 24.74
C GLY B 57 22.77 -0.51 23.88
N ILE B 58 21.51 -0.51 23.45
CA ILE B 58 20.98 -1.58 22.62
C ILE B 58 20.47 -1.06 21.27
N LEU B 59 20.67 0.23 20.99
CA LEU B 59 20.26 0.81 19.71
C LEU B 59 21.32 0.63 18.63
N ASP B 60 22.58 0.87 18.98
CA ASP B 60 23.66 0.84 18.01
C ASP B 60 23.69 -0.51 17.30
N GLY B 61 23.71 -0.48 15.97
CA GLY B 61 23.81 -1.69 15.18
C GLY B 61 22.52 -2.45 14.98
N ALA B 62 21.40 -1.95 15.47
CA ALA B 62 20.12 -2.62 15.32
C ALA B 62 19.45 -2.20 14.02
N THR B 63 18.53 -3.05 13.55
CA THR B 63 17.62 -2.72 12.47
C THR B 63 16.29 -2.35 13.09
N VAL B 64 15.79 -1.15 12.77
CA VAL B 64 14.48 -0.72 13.23
C VAL B 64 13.46 -1.13 12.19
N VAL B 65 12.53 -2.00 12.57
CA VAL B 65 11.46 -2.45 11.71
C VAL B 65 10.22 -1.67 12.08
N TYR B 66 9.82 -0.76 11.20
CA TYR B 66 8.75 0.19 11.46
C TYR B 66 7.59 -0.19 10.54
N ILE B 67 6.59 -0.86 11.12
CA ILE B 67 5.43 -1.32 10.37
C ILE B 67 4.33 -0.28 10.50
N GLY B 68 3.74 0.12 9.37
CA GLY B 68 2.80 1.21 9.35
C GLY B 68 3.51 2.55 9.37
N SER B 69 4.54 2.69 8.54
CA SER B 69 5.44 3.82 8.58
C SER B 69 5.07 4.94 7.62
N ALA B 70 4.33 4.65 6.56
CA ALA B 70 3.92 5.69 5.62
C ALA B 70 2.96 6.66 6.30
N PRO B 71 3.01 7.95 5.93
CA PRO B 71 3.96 8.61 5.02
C PRO B 71 5.33 8.77 5.69
N GLY B 72 5.35 8.76 7.02
CA GLY B 72 6.61 8.80 7.75
C GLY B 72 7.51 9.95 7.39
N THR B 73 6.94 11.15 7.23
CA THR B 73 7.79 12.32 7.02
C THR B 73 8.75 12.51 8.18
N HIS B 74 8.26 12.37 9.42
CA HIS B 74 9.08 12.61 10.59
C HIS B 74 10.26 11.66 10.67
N ILE B 75 10.14 10.45 10.09
CA ILE B 75 11.19 9.45 10.26
C ILE B 75 12.50 9.95 9.69
N ARG B 76 12.44 10.86 8.69
CA ARG B 76 13.66 11.43 8.13
C ARG B 76 14.45 12.18 9.19
N TYR B 77 13.76 12.87 10.09
CA TYR B 77 14.45 13.56 11.18
C TYR B 77 15.10 12.55 12.12
N LEU B 78 14.38 11.48 12.45
CA LEU B 78 14.95 10.45 13.31
C LEU B 78 16.22 9.88 12.73
N ARG B 79 16.15 9.43 11.47
CA ARG B 79 17.32 8.84 10.82
C ARG B 79 18.49 9.81 10.82
N ASP B 80 18.25 11.05 10.37
CA ASP B 80 19.31 12.05 10.36
C ASP B 80 19.88 12.29 11.75
N HIS B 81 19.01 12.36 12.76
CA HIS B 81 19.48 12.64 14.11
C HIS B 81 20.48 11.61 14.58
N PHE B 82 20.11 10.32 14.54
CA PHE B 82 21.00 9.30 15.05
C PHE B 82 22.18 9.04 14.13
N TYR B 83 21.97 9.18 12.82
CA TYR B 83 23.10 9.08 11.90
C TYR B 83 24.17 10.12 12.23
N ASN B 84 23.76 11.37 12.45
CA ASN B 84 24.71 12.43 12.76
C ASN B 84 25.43 12.19 14.09
N LEU B 85 24.82 11.44 15.01
CA LEU B 85 25.47 11.09 16.26
C LEU B 85 26.41 9.90 16.12
N GLY B 86 26.49 9.29 14.94
CA GLY B 86 27.35 8.14 14.76
C GLY B 86 26.76 6.82 15.21
N VAL B 87 25.45 6.75 15.40
CA VAL B 87 24.78 5.51 15.76
C VAL B 87 24.43 4.76 14.48
N ILE B 88 24.85 3.50 14.40
CA ILE B 88 24.57 2.66 13.24
C ILE B 88 23.15 2.13 13.40
N ILE B 89 22.22 2.65 12.58
CA ILE B 89 20.84 2.16 12.54
C ILE B 89 20.48 1.89 11.08
N LYS B 90 19.90 0.72 10.83
CA LYS B 90 19.29 0.40 9.54
C LYS B 90 17.78 0.48 9.70
N TRP B 91 17.13 1.15 8.76
CA TRP B 91 15.70 1.40 8.82
C TRP B 91 14.99 0.53 7.79
N MET B 92 13.93 -0.15 8.22
CA MET B 92 13.08 -0.96 7.36
C MET B 92 11.64 -0.48 7.55
N LEU B 93 11.15 0.32 6.59
CA LEU B 93 9.83 0.94 6.69
C LEU B 93 8.85 0.14 5.84
N ILE B 94 7.86 -0.45 6.49
CA ILE B 94 6.95 -1.40 5.85
C ILE B 94 5.54 -0.85 5.94
N ASP B 95 4.94 -0.56 4.78
CA ASP B 95 3.57 -0.07 4.74
C ASP B 95 2.93 -0.41 3.41
N GLY B 96 1.60 -0.40 3.39
CA GLY B 96 0.89 -0.61 2.14
C GLY B 96 0.89 0.62 1.26
N ARG B 97 1.00 1.80 1.85
CA ARG B 97 1.06 3.06 1.12
C ARG B 97 2.52 3.50 0.95
N HIS B 98 2.71 4.43 0.03
CA HIS B 98 4.05 4.94 -0.24
C HIS B 98 4.44 6.01 0.77
N HIS B 99 5.76 6.14 1.00
CA HIS B 99 6.29 7.01 2.02
C HIS B 99 6.65 8.38 1.46
N ASP B 100 6.84 9.34 2.36
CA ASP B 100 7.15 10.71 1.99
C ASP B 100 8.40 10.75 1.12
N PRO B 101 8.39 11.47 -0.01
CA PRO B 101 9.57 11.51 -0.90
C PRO B 101 10.87 11.90 -0.20
N ILE B 102 10.79 12.49 0.99
CA ILE B 102 11.98 12.93 1.70
C ILE B 102 12.76 11.77 2.29
N LEU B 103 12.23 10.54 2.21
CA LEU B 103 12.94 9.34 2.62
C LEU B 103 13.65 8.65 1.46
N ASN B 104 13.52 9.15 0.23
CA ASN B 104 14.18 8.54 -0.90
C ASN B 104 15.65 8.94 -0.96
N GLY B 105 16.44 8.11 -1.64
CA GLY B 105 17.86 8.33 -1.74
C GLY B 105 18.60 7.89 -0.49
N LEU B 106 17.89 7.79 0.63
CA LEU B 106 18.49 7.33 1.86
C LEU B 106 18.69 5.82 1.77
N ARG B 107 19.90 5.38 2.07
CA ARG B 107 20.29 4.02 1.76
C ARG B 107 20.32 3.09 2.96
N ASP B 108 20.57 3.61 4.15
CA ASP B 108 20.26 2.88 5.36
C ASP B 108 18.76 2.77 5.60
N VAL B 109 17.94 3.27 4.68
CA VAL B 109 16.48 3.27 4.81
C VAL B 109 15.93 2.46 3.65
N THR B 110 15.30 1.32 3.95
CA THR B 110 14.66 0.49 2.95
C THR B 110 13.15 0.67 3.03
N LEU B 111 12.53 0.99 1.90
CA LEU B 111 11.10 1.23 1.80
C LEU B 111 10.43 -0.02 1.25
N VAL B 112 9.56 -0.63 2.04
CA VAL B 112 8.96 -1.91 1.71
C VAL B 112 7.47 -1.72 1.52
N THR B 113 6.99 -2.04 0.31
CA THR B 113 5.56 -2.01 0.01
C THR B 113 5.00 -3.40 0.31
N ARG B 114 4.24 -3.51 1.38
CA ARG B 114 3.76 -4.83 1.79
C ARG B 114 2.59 -4.68 2.75
N PHE B 115 1.67 -5.63 2.67
CA PHE B 115 0.64 -5.84 3.68
C PHE B 115 1.14 -6.98 4.55
N VAL B 116 1.62 -6.66 5.76
CA VAL B 116 2.32 -7.64 6.57
C VAL B 116 1.31 -8.60 7.18
N ASP B 117 1.66 -9.88 7.17
CA ASP B 117 0.91 -10.91 7.87
C ASP B 117 1.91 -11.79 8.59
N GLU B 118 1.40 -12.82 9.27
CA GLU B 118 2.27 -13.72 10.02
C GLU B 118 3.32 -14.35 9.11
N GLU B 119 2.92 -14.75 7.90
CA GLU B 119 3.88 -15.34 6.96
C GLU B 119 5.00 -14.37 6.63
N TYR B 120 4.66 -13.12 6.31
CA TYR B 120 5.69 -12.17 5.93
C TYR B 120 6.58 -11.81 7.11
N LEU B 121 6.04 -11.85 8.33
CA LEU B 121 6.86 -11.57 9.50
C LEU B 121 7.95 -12.62 9.66
N ARG B 122 7.62 -13.88 9.38
CA ARG B 122 8.62 -14.93 9.50
C ARG B 122 9.71 -14.79 8.45
N SER B 123 9.38 -14.28 7.26
CA SER B 123 10.38 -14.14 6.21
C SER B 123 11.30 -12.95 6.44
N ILE B 124 10.82 -11.89 7.10
CA ILE B 124 11.72 -10.79 7.41
C ILE B 124 12.53 -11.09 8.67
N LYS B 125 11.94 -11.81 9.64
CA LYS B 125 12.72 -12.24 10.79
C LYS B 125 13.98 -12.96 10.35
N LYS B 126 13.92 -13.62 9.20
CA LYS B 126 14.93 -14.55 8.73
C LYS B 126 15.99 -13.88 7.85
N GLN B 127 15.57 -12.96 6.99
CA GLN B 127 16.56 -12.20 6.22
C GLN B 127 17.30 -11.19 7.07
N LEU B 128 16.70 -10.76 8.19
CA LEU B 128 17.37 -9.83 9.11
C LEU B 128 18.32 -10.50 10.07
N HIS B 129 18.30 -11.83 10.16
CA HIS B 129 19.30 -12.50 10.98
C HIS B 129 20.69 -12.19 10.43
N PRO B 130 21.68 -11.93 11.29
CA PRO B 130 21.70 -12.00 12.76
C PRO B 130 21.42 -10.66 13.45
N SER B 131 20.76 -9.71 12.79
CA SER B 131 20.68 -8.36 13.30
C SER B 131 19.68 -8.24 14.44
N LYS B 132 20.04 -7.46 15.46
CA LYS B 132 19.06 -7.06 16.47
C LYS B 132 17.95 -6.25 15.83
N ILE B 133 16.72 -6.48 16.28
CA ILE B 133 15.52 -5.85 15.72
C ILE B 133 14.89 -4.98 16.79
N ILE B 134 14.55 -3.75 16.41
CA ILE B 134 13.73 -2.86 17.23
C ILE B 134 12.44 -2.60 16.46
N LEU B 135 11.31 -2.94 17.06
CA LEU B 135 10.02 -2.88 16.39
C LEU B 135 9.29 -1.60 16.75
N ILE B 136 8.81 -0.89 15.74
CA ILE B 136 7.91 0.24 15.92
C ILE B 136 6.67 -0.04 15.08
N SER B 137 5.51 -0.02 15.72
CA SER B 137 4.25 -0.30 15.06
C SER B 137 3.33 0.90 15.22
N ASP B 138 2.80 1.39 14.11
CA ASP B 138 1.77 2.41 14.13
C ASP B 138 0.67 2.05 13.14
N VAL B 139 0.37 0.75 13.06
CA VAL B 139 -0.61 0.26 12.10
C VAL B 139 -2.00 0.73 12.49
N ARG B 140 -2.86 0.92 11.48
CA ARG B 140 -4.24 1.33 11.73
C ARG B 140 -5.09 1.14 10.48
N SER B 141 -6.20 0.41 10.61
CA SER B 141 -7.10 0.18 9.48
C SER B 141 -8.00 1.38 9.22
N GLU B 147 -13.23 7.00 12.99
CA GLU B 147 -12.63 6.26 14.09
C GLU B 147 -12.67 4.76 13.80
N PRO B 148 -11.76 3.98 14.38
CA PRO B 148 -11.80 2.53 14.18
C PRO B 148 -12.76 1.85 15.15
N SER B 149 -13.34 0.75 14.69
CA SER B 149 -14.21 -0.06 15.53
C SER B 149 -13.38 -0.88 16.52
N THR B 150 -14.06 -1.38 17.55
CA THR B 150 -13.36 -2.18 18.55
C THR B 150 -12.81 -3.46 17.93
N ALA B 151 -13.54 -4.05 16.98
CA ALA B 151 -13.02 -5.22 16.27
C ALA B 151 -11.74 -4.85 15.52
N ASP B 152 -11.70 -3.67 14.91
CA ASP B 152 -10.50 -3.26 14.19
C ASP B 152 -9.31 -3.14 15.13
N LEU B 153 -9.51 -2.55 16.32
CA LEU B 153 -8.43 -2.44 17.28
C LEU B 153 -7.93 -3.81 17.71
N LEU B 154 -8.85 -4.73 18.02
CA LEU B 154 -8.43 -6.07 18.43
C LEU B 154 -7.63 -6.74 17.32
N SER B 155 -8.00 -6.50 16.05
CA SER B 155 -7.23 -7.03 14.94
C SER B 155 -5.84 -6.40 14.89
N ASN B 156 -5.75 -5.09 15.12
CA ASN B 156 -4.45 -4.43 15.15
C ASN B 156 -3.61 -4.97 16.31
N TYR B 157 -4.19 -5.04 17.51
CA TYR B 157 -3.42 -5.49 18.66
C TYR B 157 -3.08 -6.97 18.56
N ALA B 158 -3.94 -7.77 17.93
CA ALA B 158 -3.58 -9.16 17.67
C ALA B 158 -2.35 -9.23 16.76
N LEU B 159 -2.32 -8.40 15.72
CA LEU B 159 -1.19 -8.41 14.80
C LEU B 159 0.09 -7.95 15.50
N GLN B 160 0.01 -6.87 16.30
CA GLN B 160 1.20 -6.37 16.97
C GLN B 160 1.81 -7.42 17.89
N ASN B 161 0.97 -8.22 18.54
CA ASN B 161 1.51 -9.29 19.37
C ASN B 161 2.28 -10.30 18.52
N VAL B 162 1.75 -10.64 17.34
CA VAL B 162 2.43 -11.59 16.45
C VAL B 162 3.76 -10.99 15.96
N MET B 163 3.79 -9.69 15.73
CA MET B 163 5.05 -9.03 15.38
C MET B 163 6.14 -9.37 16.39
N ILE B 164 5.82 -9.20 17.67
CA ILE B 164 6.82 -9.34 18.72
C ILE B 164 7.22 -10.78 18.90
N SER B 165 6.25 -11.70 18.94
CA SER B 165 6.57 -13.10 19.17
C SER B 165 7.38 -13.69 18.02
N ILE B 166 7.14 -13.22 16.79
CA ILE B 166 7.87 -13.74 15.63
C ILE B 166 9.20 -13.02 15.47
N LEU B 167 9.19 -11.69 15.48
CA LEU B 167 10.42 -10.95 15.25
C LEU B 167 11.40 -11.05 16.41
N ASN B 168 10.91 -11.34 17.62
CA ASN B 168 11.73 -11.39 18.82
C ASN B 168 12.60 -10.13 18.92
N PRO B 169 11.99 -8.95 18.99
CA PRO B 169 12.78 -7.73 19.08
C PRO B 169 13.42 -7.57 20.45
N VAL B 170 14.48 -6.75 20.48
CA VAL B 170 15.07 -6.38 21.76
C VAL B 170 14.22 -5.33 22.47
N ALA B 171 13.48 -4.52 21.72
CA ALA B 171 12.54 -3.56 22.28
C ALA B 171 11.45 -3.29 21.27
N SER B 172 10.33 -2.74 21.74
CA SER B 172 9.23 -2.43 20.83
C SER B 172 8.49 -1.19 21.30
N SER B 173 7.84 -0.52 20.35
CA SER B 173 6.94 0.59 20.63
C SER B 173 5.66 0.34 19.86
N LEU B 174 4.55 0.19 20.58
CA LEU B 174 3.27 -0.21 19.99
C LEU B 174 2.23 0.86 20.21
N LYS B 175 1.55 1.24 19.13
CA LYS B 175 0.31 1.98 19.21
C LYS B 175 -0.64 1.31 20.19
N TRP B 176 -1.13 2.07 21.17
CA TRP B 176 -1.98 1.52 22.22
C TRP B 176 -3.06 2.53 22.59
N ARG B 177 -4.29 2.28 22.12
CA ARG B 177 -5.47 2.95 22.64
C ARG B 177 -6.48 1.88 23.03
N CYS B 178 -6.93 1.91 24.27
CA CYS B 178 -7.90 0.94 24.73
C CYS B 178 -9.25 1.19 24.06
N PRO B 179 -9.97 0.13 23.66
CA PRO B 179 -11.32 0.33 23.14
C PRO B 179 -12.20 0.96 24.20
N PHE B 180 -13.19 1.72 23.75
CA PHE B 180 -14.07 2.38 24.68
C PHE B 180 -14.93 1.35 25.42
N PRO B 181 -15.10 1.50 26.74
CA PRO B 181 -15.84 0.46 27.48
C PRO B 181 -17.27 0.30 27.01
N ASP B 182 -17.90 1.36 26.50
CA ASP B 182 -19.25 1.23 25.96
C ASP B 182 -19.26 0.55 24.60
N GLN B 183 -18.10 0.34 23.98
CA GLN B 183 -17.99 -0.46 22.77
C GLN B 183 -17.19 -1.74 23.02
N TRP B 184 -17.20 -2.22 24.26
CA TRP B 184 -16.46 -3.42 24.61
C TRP B 184 -17.00 -4.61 23.83
N ILE B 185 -16.13 -5.57 23.57
CA ILE B 185 -16.51 -6.80 22.88
C ILE B 185 -16.00 -8.00 23.67
N LYS B 186 -14.75 -7.94 24.10
CA LYS B 186 -14.06 -9.13 24.57
C LYS B 186 -12.74 -8.70 25.20
N ASP B 187 -12.33 -9.43 26.24
CA ASP B 187 -11.01 -9.20 26.83
C ASP B 187 -9.93 -9.63 25.87
N PHE B 188 -8.85 -8.84 25.80
CA PHE B 188 -7.73 -9.12 24.93
C PHE B 188 -6.44 -8.90 25.70
N TYR B 189 -5.36 -9.46 25.19
CA TYR B 189 -4.05 -9.36 25.82
C TYR B 189 -3.12 -8.48 25.00
N ILE B 190 -2.35 -7.64 25.68
CA ILE B 190 -1.29 -6.86 25.05
C ILE B 190 0.00 -7.09 25.81
N PRO B 191 1.14 -6.77 25.21
CA PRO B 191 2.41 -7.02 25.89
C PRO B 191 2.60 -6.12 27.11
N HIS B 192 3.39 -6.60 28.05
CA HIS B 192 3.81 -5.82 29.20
C HIS B 192 4.69 -4.65 28.74
N GLY B 193 4.55 -3.51 29.40
CA GLY B 193 5.44 -2.39 29.16
C GLY B 193 4.92 -1.13 29.79
N ASN B 194 5.69 -0.06 29.61
CA ASN B 194 5.31 1.26 30.10
C ASN B 194 4.50 1.98 29.04
N LYS B 195 3.48 2.72 29.47
CA LYS B 195 2.52 3.33 28.58
C LYS B 195 2.86 4.81 28.47
N MET B 196 3.71 5.14 27.50
CA MET B 196 4.17 6.51 27.31
C MET B 196 3.02 7.41 26.86
N LEU B 197 2.91 8.57 27.50
CA LEU B 197 1.94 9.57 27.09
C LEU B 197 2.55 10.46 26.02
N GLN B 198 1.71 10.92 25.08
CA GLN B 198 2.19 11.62 23.91
C GLN B 198 1.80 13.09 23.98
N PRO B 199 2.75 14.02 23.95
CA PRO B 199 2.39 15.42 23.82
C PRO B 199 1.94 15.73 22.39
N PHE B 200 1.13 16.78 22.28
CA PHE B 200 0.61 17.23 21.00
C PHE B 200 -0.21 16.15 20.31
N ALA B 201 -0.77 15.20 21.06
CA ALA B 201 -1.77 14.30 20.51
C ALA B 201 -3.06 15.06 20.27
N PRO B 202 -3.97 14.51 19.47
CA PRO B 202 -5.29 15.15 19.31
C PRO B 202 -5.90 15.53 20.65
N SER B 203 -6.82 16.52 20.63
CA SER B 203 -7.23 17.18 21.86
C SER B 203 -7.73 16.19 22.90
N TYR B 204 -8.55 15.22 22.50
CA TYR B 204 -9.13 14.26 23.43
C TYR B 204 -8.83 12.83 22.98
N SER B 205 -7.62 12.59 22.51
CA SER B 205 -7.22 11.24 22.13
C SER B 205 -6.71 10.48 23.34
N ALA B 206 -7.13 9.22 23.45
CA ALA B 206 -6.70 8.35 24.54
C ALA B 206 -5.53 7.46 24.14
N GLU B 207 -4.86 7.78 23.04
CA GLU B 207 -3.80 6.94 22.51
C GLU B 207 -2.49 7.17 23.27
N MET B 208 -1.78 6.07 23.50
CA MET B 208 -0.44 6.12 24.09
C MET B 208 0.42 5.10 23.34
N ARG B 209 1.73 5.13 23.57
CA ARG B 209 2.66 4.20 22.96
C ARG B 209 3.16 3.23 24.02
N LEU B 210 3.05 1.93 23.73
CA LEU B 210 3.43 0.89 24.67
C LEU B 210 4.89 0.53 24.43
N LEU B 211 5.76 0.94 25.34
CA LEU B 211 7.19 0.72 25.22
C LEU B 211 7.59 -0.50 26.05
N SER B 212 8.40 -1.38 25.45
CA SER B 212 8.81 -2.60 26.10
C SER B 212 10.27 -2.90 25.75
N ILE B 213 11.04 -3.30 26.76
CA ILE B 213 12.40 -3.79 26.57
C ILE B 213 12.44 -5.22 27.07
N TYR B 214 12.97 -6.12 26.25
CA TYR B 214 12.87 -7.55 26.50
C TYR B 214 14.22 -8.13 26.92
N MET B 219 8.75 -12.22 26.52
CA MET B 219 7.62 -11.29 26.46
C MET B 219 6.51 -11.78 27.38
N ARG B 220 5.93 -10.86 28.14
CA ARG B 220 4.82 -11.14 29.03
C ARG B 220 3.59 -10.38 28.55
N LEU B 221 2.48 -11.11 28.42
CA LEU B 221 1.21 -10.52 28.02
C LEU B 221 0.36 -10.24 29.25
N THR B 222 -0.57 -9.29 29.11
CA THR B 222 -1.40 -8.86 30.23
C THR B 222 -2.83 -8.66 29.74
N ARG B 223 -3.80 -9.20 30.48
CA ARG B 223 -5.21 -9.06 30.14
C ARG B 223 -5.60 -7.57 30.15
N VAL B 224 -6.55 -7.21 29.28
CA VAL B 224 -7.17 -5.91 29.32
C VAL B 224 -8.66 -6.14 29.47
N THR B 225 -9.23 -5.61 30.55
CA THR B 225 -10.61 -5.88 30.96
C THR B 225 -11.46 -4.65 30.76
N LYS B 226 -12.78 -4.85 30.78
CA LYS B 226 -13.69 -3.72 30.58
C LYS B 226 -13.53 -2.68 31.68
N SER B 227 -13.13 -3.09 32.88
CA SER B 227 -12.87 -2.13 33.94
C SER B 227 -11.60 -1.33 33.65
N ASP B 228 -10.62 -1.95 32.98
CA ASP B 228 -9.46 -1.20 32.53
C ASP B 228 -9.87 -0.14 31.51
N ALA B 229 -10.79 -0.50 30.60
CA ALA B 229 -11.23 0.46 29.59
C ALA B 229 -11.92 1.66 30.24
N VAL B 230 -12.75 1.42 31.25
CA VAL B 230 -13.35 2.52 32.00
C VAL B 230 -12.26 3.38 32.63
N ASN B 231 -11.29 2.73 33.27
CA ASN B 231 -10.21 3.47 33.91
C ASN B 231 -9.40 4.26 32.88
N TYR B 232 -9.12 3.66 31.72
CA TYR B 232 -8.39 4.38 30.68
C TYR B 232 -9.16 5.64 30.25
N GLU B 233 -10.42 5.47 29.88
CA GLU B 233 -11.19 6.60 29.35
C GLU B 233 -11.25 7.74 30.36
N LYS B 234 -11.46 7.43 31.63
CA LYS B 234 -11.59 8.48 32.64
C LYS B 234 -10.27 9.19 32.87
N LYS B 235 -9.21 8.42 33.15
CA LYS B 235 -7.91 9.03 33.42
C LYS B 235 -7.41 9.85 32.23
N MET B 236 -7.72 9.41 31.01
CA MET B 236 -7.28 10.14 29.82
C MET B 236 -8.16 11.36 29.55
N TYR B 237 -9.44 11.32 29.94
CA TYR B 237 -10.27 12.52 29.83
C TYR B 237 -9.89 13.55 30.88
N TYR B 238 -9.47 13.09 32.07
CA TYR B 238 -8.92 14.00 33.06
C TYR B 238 -7.63 14.65 32.54
N LEU B 239 -6.80 13.87 31.84
CA LEU B 239 -5.58 14.40 31.25
C LEU B 239 -5.90 15.38 30.13
N ASN B 240 -6.80 15.00 29.22
CA ASN B 240 -7.10 15.84 28.06
C ASN B 240 -7.89 17.08 28.47
N LYS B 241 -8.92 16.91 29.30
CA LYS B 241 -9.84 18.01 29.58
C LYS B 241 -9.20 19.05 30.50
N ILE B 242 -8.48 18.61 31.53
CA ILE B 242 -7.98 19.49 32.59
C ILE B 242 -6.47 19.68 32.50
N VAL B 243 -5.71 18.59 32.63
CA VAL B 243 -4.26 18.71 32.83
C VAL B 243 -3.61 19.38 31.63
N ARG B 244 -3.98 18.98 30.41
CA ARG B 244 -3.33 19.51 29.21
C ARG B 244 -3.73 20.94 28.91
N ASN B 245 -4.74 21.48 29.59
CA ASN B 245 -5.17 22.85 29.41
C ASN B 245 -4.58 23.80 30.46
N LYS B 246 -3.60 23.35 31.21
CA LYS B 246 -2.96 24.19 32.22
C LYS B 246 -1.74 24.89 31.62
N VAL B 247 -1.30 25.94 32.31
CA VAL B 247 -0.07 26.66 31.98
C VAL B 247 0.86 26.51 33.17
N VAL B 248 1.95 25.77 32.99
CA VAL B 248 2.91 25.57 34.08
C VAL B 248 3.67 26.87 34.26
N ILE B 249 3.37 27.57 35.36
CA ILE B 249 3.83 28.95 35.48
C ILE B 249 5.22 29.08 36.08
N ASN B 250 5.72 28.04 36.74
CA ASN B 250 7.11 27.98 37.16
C ASN B 250 8.02 27.40 36.10
N PHE B 251 7.49 27.13 34.90
CA PHE B 251 8.27 26.52 33.83
C PHE B 251 9.07 27.60 33.11
N ASP B 252 10.40 27.45 33.10
CA ASP B 252 11.30 28.41 32.47
C ASP B 252 11.43 28.06 31.00
N TYR B 253 10.57 28.68 30.18
CA TYR B 253 10.54 28.35 28.75
C TYR B 253 9.69 29.38 28.01
N PRO B 254 9.99 29.66 26.73
CA PRO B 254 9.16 30.62 25.97
C PRO B 254 7.68 30.25 25.92
N ASN B 255 7.34 28.97 26.01
CA ASN B 255 5.95 28.53 26.05
C ASN B 255 5.76 27.65 27.27
N GLN B 256 4.75 27.98 28.08
CA GLN B 256 4.50 27.31 29.34
C GLN B 256 3.27 26.43 29.32
N GLU B 257 2.67 26.21 28.15
CA GLU B 257 1.55 25.29 28.04
C GLU B 257 2.02 23.86 28.35
N TYR B 258 1.07 23.03 28.77
CA TYR B 258 1.44 21.73 29.33
C TYR B 258 2.18 20.87 28.30
N ASP B 259 1.71 20.86 27.05
CA ASP B 259 2.33 20.00 26.06
C ASP B 259 3.81 20.34 25.87
N TYR B 260 4.14 21.63 25.86
CA TYR B 260 5.54 22.03 25.77
C TYR B 260 6.29 21.65 27.04
N PHE B 261 5.65 21.80 28.20
CA PHE B 261 6.24 21.30 29.43
C PHE B 261 6.42 19.78 29.38
N HIS B 262 5.45 19.07 28.79
CA HIS B 262 5.62 17.65 28.54
C HIS B 262 6.74 17.40 27.54
N MET B 263 6.67 18.07 26.39
CA MET B 263 7.72 17.95 25.39
C MET B 263 9.10 18.21 25.98
N TYR B 264 9.22 19.25 26.81
CA TYR B 264 10.51 19.62 27.38
C TYR B 264 11.16 18.45 28.11
N PHE B 265 10.37 17.68 28.85
CA PHE B 265 10.94 16.58 29.64
C PHE B 265 11.27 15.36 28.80
N MET B 266 10.63 15.19 27.65
CA MET B 266 11.05 14.14 26.73
C MET B 266 12.33 14.53 26.00
N LEU B 267 12.41 15.78 25.55
CA LEU B 267 13.54 16.20 24.72
C LEU B 267 14.86 16.19 25.48
N ARG B 268 14.82 16.38 26.80
CA ARG B 268 16.05 16.39 27.60
C ARG B 268 16.68 15.01 27.73
N THR B 269 16.00 13.95 27.32
CA THR B 269 16.58 12.62 27.27
C THR B 269 17.31 12.34 25.96
N VAL B 270 17.27 13.29 25.03
CA VAL B 270 17.86 13.13 23.70
C VAL B 270 19.33 13.51 23.75
N TYR B 271 20.16 12.72 23.07
CA TYR B 271 21.59 13.01 22.97
C TYR B 271 21.83 14.05 21.88
N CYS B 272 22.87 14.87 22.10
CA CYS B 272 23.24 15.89 21.12
C CYS B 272 24.76 15.96 21.00
N ASN B 273 25.23 16.02 19.76
CA ASN B 273 26.66 16.26 19.52
C ASN B 273 27.06 17.65 19.99
N LYS B 274 26.29 18.67 19.60
CA LYS B 274 26.60 20.03 20.00
C LYS B 274 26.43 20.18 21.51
N THR B 275 27.32 20.96 22.12
CA THR B 275 27.28 21.27 23.53
C THR B 275 26.60 22.62 23.74
N PHE B 276 25.82 22.74 24.80
CA PHE B 276 25.04 23.94 25.05
C PHE B 276 25.33 24.49 26.43
N PRO B 277 25.17 25.80 26.61
CA PRO B 277 25.46 26.39 27.93
C PRO B 277 24.53 25.90 29.02
N THR B 278 23.28 25.62 28.70
CA THR B 278 22.27 25.25 29.68
C THR B 278 21.35 24.20 29.10
N THR B 279 20.76 23.38 29.96
CA THR B 279 19.78 22.40 29.50
C THR B 279 18.66 23.09 28.73
N LYS B 280 18.14 24.20 29.26
CA LYS B 280 17.09 24.92 28.54
C LYS B 280 17.53 25.33 27.15
N ALA B 281 18.81 25.68 26.98
CA ALA B 281 19.28 26.06 25.66
C ALA B 281 19.27 24.88 24.70
N LYS B 282 19.66 23.71 25.18
CA LYS B 282 19.59 22.51 24.35
C LYS B 282 18.17 22.22 23.90
N ILE B 283 17.22 22.21 24.85
CA ILE B 283 15.84 21.88 24.52
C ILE B 283 15.28 22.91 23.54
N LEU B 284 15.63 24.18 23.72
CA LEU B 284 15.15 25.21 22.81
C LEU B 284 15.72 25.01 21.42
N PHE B 285 16.95 24.53 21.33
CA PHE B 285 17.54 24.23 20.02
C PHE B 285 16.84 23.05 19.36
N LEU B 286 16.62 21.98 20.12
CA LEU B 286 15.97 20.80 19.57
C LEU B 286 14.56 21.12 19.09
N GLN B 287 13.80 21.88 19.89
CA GLN B 287 12.43 22.19 19.51
C GLN B 287 12.38 23.01 18.23
N GLN B 288 13.28 23.99 18.09
CA GLN B 288 13.34 24.77 16.87
C GLN B 288 13.76 23.91 15.68
N SER B 289 14.72 23.01 15.90
CA SER B 289 15.13 22.09 14.84
C SER B 289 13.96 21.24 14.39
N ILE B 290 13.23 20.65 15.34
CA ILE B 290 12.13 19.76 15.01
C ILE B 290 11.01 20.53 14.33
N PHE B 291 10.62 21.68 14.88
CA PHE B 291 9.56 22.48 14.27
C PHE B 291 9.98 22.97 12.89
N ARG B 292 11.24 23.39 12.74
CA ARG B 292 11.71 23.90 11.47
C ARG B 292 11.63 22.83 10.38
N PHE B 293 11.99 21.59 10.72
CA PHE B 293 11.90 20.49 9.77
C PHE B 293 10.45 20.20 9.38
N LEU B 294 9.54 20.27 10.35
CA LEU B 294 8.13 19.96 10.12
C LEU B 294 7.34 21.15 9.59
N ASN B 295 7.97 22.30 9.36
CA ASN B 295 7.29 23.50 8.90
C ASN B 295 6.17 23.90 9.86
N ILE B 296 6.54 24.06 11.12
CA ILE B 296 5.64 24.48 12.18
C ILE B 296 6.12 25.81 12.71
N PRO B 297 5.29 26.86 12.75
CA PRO B 297 5.68 28.17 13.30
C PRO B 297 6.17 28.09 14.74
#